data_3ENJ
#
_entry.id   3ENJ
#
_cell.length_a   76.340
_cell.length_b   76.340
_cell.length_c   198.150
_cell.angle_alpha   90.00
_cell.angle_beta   90.00
_cell.angle_gamma   90.00
#
_symmetry.space_group_name_H-M   'P 41 21 2'
#
loop_
_entity.id
_entity.type
_entity.pdbx_description
1 polymer 'Citrate synthase'
2 non-polymer CYSTEINE
3 non-polymer 'CHLORIDE ION'
4 non-polymer 'SULFATE ION'
5 water water
#
_entity_poly.entity_id   1
_entity_poly.type   'polypeptide(L)'
_entity_poly.pdbx_seq_one_letter_code
;ASSTNLKDILADLIPKEQARIKTFRQQHGNTVVGQITVDMMYGGMRGMKGLVYETSVLDPDEGIRFRGYSIPECQKMLPK
AKGGEEPLPEGLFWLLVTGQIPTEEQVSWLSKEWAKRAALPSHVVTMLDNFPTNLHPMSQLSAAITALNSESNFARAYAE
GIHRTKYWELIYEDCMDLIAKLPCVAAKIYRNLYREGSSIGAIDSKLDWSHNFTNMLGYTDAQFTELMRLYLTIHSDHEG
GNVSAHTSHLVGSALSDPYLSFAAAMNGLAGPLHGLANQEVLVWLTQLQKEVGKDVSDEKLRDYIWNTLNSGRVVPGYGH
AVLRKTDPRYTCQREFALKHLPHDPMFKLVAQLYKIVPNVLLEQGKAKNPWPNVDAHSGVLLQYYGMTEMNYYTVLFGVS
RALGVLAQLIWSRALGFPLERPKSMSTDGLIKLVDSK
;
_entity_poly.pdbx_strand_id   A
#
# COMPACT_ATOMS: atom_id res chain seq x y z
N ALA A 1 -7.31 28.48 -13.80
CA ALA A 1 -6.91 27.41 -14.74
C ALA A 1 -8.05 26.42 -14.95
N SER A 2 -8.24 25.53 -13.99
CA SER A 2 -9.17 24.39 -14.14
C SER A 2 -9.82 23.92 -12.83
N SER A 3 -11.12 23.65 -12.92
CA SER A 3 -11.85 22.95 -11.87
C SER A 3 -11.34 21.52 -11.80
N THR A 4 -11.42 20.82 -12.93
CA THR A 4 -11.18 19.39 -12.94
C THR A 4 -9.72 18.99 -13.19
N ASN A 5 -8.83 19.94 -13.53
CA ASN A 5 -7.42 19.59 -13.68
C ASN A 5 -6.67 19.52 -12.36
N LEU A 6 -6.14 18.32 -12.06
CA LEU A 6 -5.50 18.04 -10.79
C LEU A 6 -4.25 18.88 -10.63
N LYS A 7 -3.62 19.19 -11.76
CA LYS A 7 -2.32 19.80 -11.70
C LYS A 7 -2.45 21.29 -11.41
N ASP A 8 -3.53 21.90 -11.90
CA ASP A 8 -3.84 23.32 -11.64
C ASP A 8 -4.23 23.52 -10.17
N ILE A 9 -5.00 22.58 -9.65
CA ILE A 9 -5.37 22.60 -8.23
C ILE A 9 -4.13 22.46 -7.36
N LEU A 10 -3.26 21.53 -7.72
CA LEU A 10 -2.01 21.35 -7.00
C LEU A 10 -1.12 22.58 -7.02
N ALA A 11 -1.04 23.23 -8.17
CA ALA A 11 -0.15 24.37 -8.32
C ALA A 11 -0.59 25.49 -7.37
N ASP A 12 -1.87 25.52 -7.07
CA ASP A 12 -2.40 26.62 -6.27
C ASP A 12 -2.18 26.35 -4.77
N LEU A 13 -2.27 25.09 -4.38
CA LEU A 13 -2.00 24.64 -3.02
C LEU A 13 -0.54 24.74 -2.59
N ILE A 14 0.41 24.41 -3.46
CA ILE A 14 1.79 24.26 -3.04
C ILE A 14 2.47 25.48 -2.38
N PRO A 15 2.33 26.68 -2.94
CA PRO A 15 2.97 27.84 -2.30
C PRO A 15 2.40 28.21 -0.93
N LYS A 16 1.11 27.99 -0.74
CA LYS A 16 0.51 28.20 0.57
C LYS A 16 1.04 27.19 1.61
N GLU A 17 1.26 25.96 1.19
CA GLU A 17 1.87 24.95 2.06
C GLU A 17 3.36 25.23 2.34
N GLN A 18 4.09 25.75 1.36
CA GLN A 18 5.49 26.11 1.56
C GLN A 18 5.61 27.18 2.64
N ALA A 19 4.74 28.19 2.52
CA ALA A 19 4.79 29.32 3.44
C ALA A 19 4.41 28.91 4.87
N ARG A 20 3.50 27.96 4.98
CA ARG A 20 3.10 27.52 6.30
C ARG A 20 4.21 26.67 6.94
N ILE A 21 4.85 25.79 6.19
CA ILE A 21 5.99 25.15 6.82
C ILE A 21 7.15 26.09 7.19
N LYS A 22 7.48 27.03 6.32
CA LYS A 22 8.55 27.99 6.62
C LYS A 22 8.31 28.79 7.91
N THR A 23 7.09 29.22 8.15
CA THR A 23 6.88 30.01 9.35
C THR A 23 6.83 29.12 10.61
N PHE A 24 6.33 27.89 10.48
CA PHE A 24 6.39 26.90 11.56
C PHE A 24 7.83 26.60 11.96
N ARG A 25 8.69 26.38 10.97
CA ARG A 25 10.09 26.07 11.23
C ARG A 25 10.88 27.23 11.78
N GLN A 26 10.42 28.44 11.46
CA GLN A 26 11.01 29.67 11.95
C GLN A 26 10.82 29.84 13.47
N GLN A 27 9.68 29.41 14.00
CA GLN A 27 9.54 29.46 15.44
C GLN A 27 9.81 28.16 16.23
N HIS A 28 9.80 27.00 15.59
CA HIS A 28 9.89 25.75 16.35
C HIS A 28 10.88 24.73 15.79
N GLY A 29 11.74 25.12 14.85
CA GLY A 29 12.63 24.16 14.21
C GLY A 29 13.58 23.56 15.21
N ASN A 30 13.85 24.32 16.28
CA ASN A 30 14.75 23.89 17.34
C ASN A 30 14.06 23.12 18.47
N THR A 31 12.75 22.94 18.34
CA THR A 31 11.96 22.27 19.37
C THR A 31 12.31 20.78 19.34
N VAL A 32 12.65 20.27 20.53
CA VAL A 32 13.05 18.90 20.70
C VAL A 32 11.79 18.06 20.79
N VAL A 33 11.68 17.13 19.86
CA VAL A 33 10.58 16.13 19.86
C VAL A 33 10.95 14.75 20.44
N GLY A 34 12.23 14.39 20.53
CA GLY A 34 12.61 13.16 21.14
C GLY A 34 14.09 13.07 21.49
N GLN A 35 14.45 11.95 22.21
CA GLN A 35 15.85 11.50 22.43
C GLN A 35 16.18 10.24 21.62
N ILE A 36 17.41 10.16 21.15
CA ILE A 36 17.94 8.95 20.58
C ILE A 36 18.76 8.22 21.62
N THR A 37 18.51 6.94 21.75
CA THR A 37 19.24 6.07 22.67
C THR A 37 20.02 5.04 21.86
N VAL A 38 21.02 4.44 22.51
CA VAL A 38 21.79 3.35 21.94
C VAL A 38 20.88 2.22 21.41
N ASP A 39 19.89 1.82 22.20
CA ASP A 39 18.96 0.74 21.83
C ASP A 39 18.19 1.10 20.55
N MET A 40 17.81 2.37 20.38
CA MET A 40 17.12 2.79 19.14
C MET A 40 18.00 2.63 17.90
N MET A 41 19.30 2.78 18.06
CA MET A 41 20.21 2.67 16.94
C MET A 41 20.42 1.20 16.54
N TYR A 42 20.54 0.32 17.53
CA TYR A 42 20.60 -1.11 17.27
C TYR A 42 19.24 -1.68 16.82
N GLY A 43 18.16 -0.97 17.21
CA GLY A 43 16.79 -1.46 17.14
C GLY A 43 16.02 -1.01 15.90
N GLY A 44 16.76 -0.60 14.88
CA GLY A 44 16.15 -0.24 13.59
C GLY A 44 15.31 1.02 13.75
N MET A 45 15.82 1.97 14.54
CA MET A 45 15.17 3.25 14.76
C MET A 45 13.79 3.10 15.42
N ARG A 46 13.58 2.00 16.14
CA ARG A 46 12.30 1.76 16.82
C ARG A 46 11.99 2.92 17.75
N GLY A 47 10.88 3.60 17.51
CA GLY A 47 10.39 4.67 18.38
C GLY A 47 11.08 6.01 18.19
N MET A 48 11.64 6.22 17.01
CA MET A 48 12.38 7.41 16.67
C MET A 48 11.57 8.21 15.67
N LYS A 49 11.17 9.42 16.01
CA LYS A 49 10.49 10.30 15.08
C LYS A 49 11.45 10.89 14.06
N GLY A 50 11.46 10.36 12.85
CA GLY A 50 12.59 10.59 11.94
C GLY A 50 12.29 11.23 10.60
N LEU A 51 11.03 11.24 10.18
CA LEU A 51 10.71 11.83 8.90
C LEU A 51 9.33 12.43 8.83
N VAL A 52 9.13 13.33 7.87
CA VAL A 52 7.84 13.98 7.65
C VAL A 52 7.19 13.33 6.42
N TYR A 53 5.97 12.79 6.59
CA TYR A 53 5.22 12.12 5.57
C TYR A 53 3.78 12.56 5.74
N GLU A 54 3.24 13.16 4.70
CA GLU A 54 2.08 14.05 4.83
C GLU A 54 0.76 13.36 4.58
N THR A 55 0.78 12.26 3.86
CA THR A 55 -0.47 11.72 3.33
C THR A 55 -1.35 10.90 4.27
N SER A 56 -0.74 10.28 5.27
CA SER A 56 -1.48 9.38 6.17
C SER A 56 -0.80 9.32 7.53
N VAL A 57 -1.67 9.19 8.54
CA VAL A 57 -1.31 9.17 9.94
C VAL A 57 -2.18 8.16 10.68
N LEU A 58 -1.53 7.35 11.51
CA LEU A 58 -2.24 6.41 12.37
C LEU A 58 -2.79 7.04 13.65
N ASP A 59 -4.11 6.93 13.79
CA ASP A 59 -4.84 7.28 15.00
C ASP A 59 -5.00 6.01 15.86
N PRO A 60 -4.39 6.00 17.05
CA PRO A 60 -4.45 4.82 17.93
C PRO A 60 -5.88 4.39 18.29
N ASP A 61 -6.83 5.31 18.17
CA ASP A 61 -8.22 5.03 18.51
C ASP A 61 -9.10 4.75 17.29
N GLU A 62 -8.74 5.25 16.11
CA GLU A 62 -9.64 5.15 14.97
C GLU A 62 -9.05 4.44 13.75
N GLY A 63 -7.76 4.12 13.81
CA GLY A 63 -7.11 3.50 12.65
C GLY A 63 -6.45 4.50 11.70
N ILE A 64 -5.91 3.99 10.59
CA ILE A 64 -5.23 4.87 9.64
C ILE A 64 -6.21 5.96 9.11
N ARG A 65 -5.72 7.20 9.06
CA ARG A 65 -6.46 8.28 8.42
C ARG A 65 -5.74 8.78 7.19
N PHE A 66 -6.52 8.99 6.14
CA PHE A 66 -6.07 9.58 4.88
C PHE A 66 -6.36 11.08 4.84
N ARG A 67 -5.30 11.90 4.88
CA ARG A 67 -5.47 13.35 4.95
C ARG A 67 -6.60 13.77 5.91
N GLY A 68 -6.61 13.17 7.09
CA GLY A 68 -7.56 13.57 8.14
C GLY A 68 -8.78 12.67 8.22
N TYR A 69 -9.15 12.04 7.10
CA TYR A 69 -10.36 11.23 6.98
C TYR A 69 -10.13 9.76 7.33
N SER A 70 -10.98 9.24 8.20
CA SER A 70 -10.97 7.85 8.61
C SER A 70 -11.54 7.04 7.48
N ILE A 71 -11.37 5.73 7.57
CA ILE A 71 -11.79 4.84 6.50
C ILE A 71 -13.30 4.83 6.29
N PRO A 72 -14.05 4.75 7.39
CA PRO A 72 -15.51 4.82 7.27
C PRO A 72 -15.94 6.07 6.49
N GLU A 73 -15.33 7.21 6.82
CA GLU A 73 -15.63 8.51 6.17
C GLU A 73 -15.26 8.51 4.70
N CYS A 74 -14.19 7.82 4.36
CA CYS A 74 -13.77 7.68 2.96
C CYS A 74 -14.76 6.85 2.18
N GLN A 75 -15.16 5.69 2.71
CA GLN A 75 -16.16 4.85 2.04
C GLN A 75 -17.42 5.66 1.76
N LYS A 76 -17.83 6.48 2.73
CA LYS A 76 -19.03 7.29 2.58
C LYS A 76 -18.92 8.28 1.42
N MET A 77 -17.81 9.04 1.41
CA MET A 77 -17.72 10.28 0.64
C MET A 77 -17.07 10.18 -0.75
N LEU A 78 -16.26 9.15 -0.97
CA LEU A 78 -15.54 9.02 -2.22
C LEU A 78 -16.47 8.46 -3.28
N PRO A 79 -16.38 8.99 -4.51
CA PRO A 79 -17.18 8.48 -5.63
C PRO A 79 -16.98 6.99 -5.96
N LYS A 80 -18.06 6.37 -6.42
CA LYS A 80 -18.13 4.95 -6.71
C LYS A 80 -18.26 4.85 -8.21
N ALA A 81 -18.06 3.68 -8.78
CA ALA A 81 -18.42 3.45 -10.18
C ALA A 81 -19.94 3.61 -10.34
N LYS A 82 -20.44 3.75 -11.57
CA LYS A 82 -21.88 3.77 -11.76
C LYS A 82 -22.44 2.36 -11.62
N GLY A 83 -23.37 2.21 -10.68
CA GLY A 83 -23.91 0.91 -10.36
C GLY A 83 -23.09 0.23 -9.29
N GLY A 84 -22.01 0.84 -8.84
CA GLY A 84 -21.16 0.23 -7.83
C GLY A 84 -21.41 0.85 -6.46
N GLU A 85 -20.84 0.25 -5.43
CA GLU A 85 -20.84 0.87 -4.11
C GLU A 85 -19.48 0.90 -3.42
N GLU A 86 -18.44 0.50 -4.11
CA GLU A 86 -17.09 0.58 -3.55
C GLU A 86 -16.38 1.79 -4.14
N PRO A 87 -15.56 2.44 -3.31
CA PRO A 87 -14.89 3.68 -3.65
C PRO A 87 -13.87 3.45 -4.74
N LEU A 88 -13.80 4.32 -5.74
CA LEU A 88 -12.74 4.24 -6.76
C LEU A 88 -11.40 4.71 -6.20
N PRO A 89 -10.35 3.93 -6.45
CA PRO A 89 -8.98 4.35 -6.13
C PRO A 89 -8.55 5.72 -6.71
N GLU A 90 -9.04 6.10 -7.89
CA GLU A 90 -8.84 7.43 -8.46
C GLU A 90 -9.17 8.51 -7.42
N GLY A 91 -10.27 8.36 -6.68
CA GLY A 91 -10.71 9.41 -5.77
C GLY A 91 -9.85 9.44 -4.52
N LEU A 92 -9.44 8.27 -4.06
CA LEU A 92 -8.42 8.16 -3.03
C LEU A 92 -7.13 8.92 -3.41
N PHE A 93 -6.63 8.75 -4.63
CA PHE A 93 -5.41 9.44 -5.03
C PHE A 93 -5.58 10.96 -5.02
N TRP A 94 -6.75 11.39 -5.42
CA TRP A 94 -7.09 12.80 -5.50
C TRP A 94 -7.04 13.37 -4.10
N LEU A 95 -7.69 12.68 -3.18
CA LEU A 95 -7.68 13.10 -1.79
C LEU A 95 -6.26 13.15 -1.22
N LEU A 96 -5.45 12.12 -1.47
CA LEU A 96 -4.07 12.11 -0.96
C LEU A 96 -3.23 13.26 -1.52
N VAL A 97 -3.47 13.63 -2.78
CA VAL A 97 -2.67 14.66 -3.42
C VAL A 97 -3.14 16.05 -2.98
N THR A 98 -4.45 16.18 -2.80
CA THR A 98 -5.00 17.52 -2.61
C THR A 98 -5.46 17.80 -1.21
N GLY A 99 -5.72 16.78 -0.41
CA GLY A 99 -6.40 17.00 0.89
C GLY A 99 -7.89 17.18 0.76
N GLN A 100 -8.38 17.12 -0.47
CA GLN A 100 -9.79 17.42 -0.75
CA GLN A 100 -9.78 17.43 -0.76
C GLN A 100 -10.54 16.26 -1.41
N ILE A 101 -11.84 16.19 -1.15
CA ILE A 101 -12.71 15.15 -1.73
C ILE A 101 -13.15 15.55 -3.13
N PRO A 102 -12.82 14.74 -4.13
CA PRO A 102 -13.15 15.07 -5.50
C PRO A 102 -14.62 14.86 -5.82
N THR A 103 -15.11 15.63 -6.78
CA THR A 103 -16.42 15.43 -7.34
C THR A 103 -16.42 14.23 -8.29
N GLU A 104 -17.59 13.72 -8.66
CA GLU A 104 -17.73 12.68 -9.69
C GLU A 104 -17.04 13.05 -11.01
N GLU A 105 -17.08 14.34 -11.33
N GLU A 105 -17.11 14.35 -11.29
CA GLU A 105 -16.54 14.82 -12.59
CA GLU A 105 -16.56 14.93 -12.52
C GLU A 105 -15.01 14.93 -12.56
C GLU A 105 -15.03 14.86 -12.52
N GLN A 106 -14.43 15.15 -11.38
CA GLN A 106 -12.98 15.13 -11.22
C GLN A 106 -12.43 13.70 -11.28
N VAL A 107 -13.16 12.76 -10.71
CA VAL A 107 -12.75 11.37 -10.70
C VAL A 107 -12.83 10.78 -12.10
N SER A 108 -13.89 11.15 -12.81
CA SER A 108 -14.09 10.72 -14.18
C SER A 108 -12.97 11.24 -15.08
N TRP A 109 -12.59 12.50 -14.89
CA TRP A 109 -11.41 13.07 -15.55
C TRP A 109 -10.16 12.24 -15.27
N LEU A 110 -9.98 11.85 -14.03
CA LEU A 110 -8.75 11.18 -13.66
C LEU A 110 -8.71 9.78 -14.27
N SER A 111 -9.87 9.10 -14.33
CA SER A 111 -9.96 7.80 -15.02
C SER A 111 -9.46 7.90 -16.49
N LYS A 112 -9.95 8.93 -17.18
CA LYS A 112 -9.60 9.17 -18.59
C LYS A 112 -8.12 9.42 -18.74
N GLU A 113 -7.58 10.26 -17.87
CA GLU A 113 -6.14 10.57 -17.88
C GLU A 113 -5.30 9.32 -17.79
N TRP A 114 -5.66 8.43 -16.87
CA TRP A 114 -4.88 7.22 -16.65
C TRP A 114 -5.00 6.29 -17.85
N ALA A 115 -6.17 6.22 -18.47
CA ALA A 115 -6.33 5.42 -19.70
C ALA A 115 -5.49 5.93 -20.88
N LYS A 116 -5.47 7.26 -21.06
CA LYS A 116 -4.69 7.95 -22.09
C LYS A 116 -3.18 7.77 -21.99
N ARG A 117 -2.66 7.68 -20.76
CA ARG A 117 -1.22 7.47 -20.49
C ARG A 117 -0.73 6.05 -20.40
N ALA A 118 -1.66 5.09 -20.46
CA ALA A 118 -1.32 3.68 -20.30
C ALA A 118 -0.78 3.11 -21.61
N ALA A 119 0.53 3.02 -21.72
CA ALA A 119 1.22 2.43 -22.86
C ALA A 119 2.55 1.90 -22.38
N LEU A 120 2.97 0.77 -22.94
CA LEU A 120 4.25 0.18 -22.60
C LEU A 120 5.12 0.18 -23.84
N PRO A 121 6.40 0.51 -23.68
CA PRO A 121 7.31 0.39 -24.81
C PRO A 121 7.62 -1.06 -25.18
N SER A 122 8.05 -1.28 -26.42
CA SER A 122 8.20 -2.64 -26.89
C SER A 122 9.27 -3.40 -26.13
N HIS A 123 10.35 -2.74 -25.71
CA HIS A 123 11.39 -3.42 -24.92
C HIS A 123 10.93 -3.99 -23.58
N VAL A 124 10.00 -3.32 -22.92
CA VAL A 124 9.39 -3.84 -21.71
C VAL A 124 8.44 -5.01 -22.02
N VAL A 125 7.62 -4.93 -23.07
CA VAL A 125 6.77 -6.05 -23.36
C VAL A 125 7.61 -7.28 -23.64
N THR A 126 8.73 -7.07 -24.35
CA THR A 126 9.61 -8.14 -24.81
C THR A 126 10.32 -8.74 -23.60
N MET A 127 10.74 -7.87 -22.69
CA MET A 127 11.37 -8.33 -21.46
C MET A 127 10.48 -9.24 -20.60
N LEU A 128 9.28 -8.77 -20.31
CA LEU A 128 8.26 -9.52 -19.60
C LEU A 128 7.99 -10.85 -20.28
N ASP A 129 7.82 -10.85 -21.61
CA ASP A 129 7.49 -12.11 -22.26
C ASP A 129 8.61 -13.12 -22.21
N ASN A 130 9.85 -12.67 -22.02
CA ASN A 130 11.00 -13.56 -22.01
C ASN A 130 11.40 -14.05 -20.63
N PHE A 131 10.88 -13.47 -19.58
CA PHE A 131 11.15 -13.95 -18.22
C PHE A 131 10.67 -15.39 -17.99
N PRO A 132 11.49 -16.19 -17.26
CA PRO A 132 11.12 -17.59 -16.99
C PRO A 132 10.07 -17.71 -15.87
N THR A 133 9.35 -18.85 -15.75
CA THR A 133 8.27 -18.92 -14.78
C THR A 133 8.82 -19.11 -13.37
N ASN A 134 10.12 -19.32 -13.25
CA ASN A 134 10.67 -19.37 -11.89
C ASN A 134 11.17 -18.02 -11.36
N LEU A 135 11.02 -16.94 -12.13
CA LEU A 135 11.32 -15.62 -11.57
C LEU A 135 10.09 -15.09 -10.85
N HIS A 136 10.24 -14.82 -9.58
CA HIS A 136 9.13 -14.43 -8.76
C HIS A 136 8.45 -13.22 -9.34
N PRO A 137 7.10 -13.17 -9.24
CA PRO A 137 6.35 -12.04 -9.78
C PRO A 137 6.74 -10.66 -9.25
N MET A 138 7.18 -10.51 -8.00
CA MET A 138 7.63 -9.20 -7.52
C MET A 138 8.99 -8.80 -8.14
N SER A 139 9.84 -9.76 -8.51
CA SER A 139 11.10 -9.45 -9.17
C SER A 139 10.86 -9.00 -10.60
N GLN A 140 9.92 -9.67 -11.27
CA GLN A 140 9.44 -9.30 -12.57
C GLN A 140 8.90 -7.88 -12.59
N LEU A 141 8.11 -7.53 -11.58
CA LEU A 141 7.50 -6.21 -11.46
C LEU A 141 8.58 -5.14 -11.26
N SER A 142 9.41 -5.30 -10.25
CA SER A 142 10.45 -4.32 -10.05
C SER A 142 11.36 -4.12 -11.26
N ALA A 143 11.82 -5.20 -11.89
CA ALA A 143 12.72 -5.06 -13.02
C ALA A 143 12.07 -4.37 -14.20
N ALA A 144 10.79 -4.65 -14.44
CA ALA A 144 10.07 -3.97 -15.52
C ALA A 144 9.83 -2.49 -15.19
N ILE A 145 9.57 -2.15 -13.93
CA ILE A 145 9.44 -0.74 -13.58
C ILE A 145 10.79 0.03 -13.72
N THR A 146 11.90 -0.60 -13.34
CA THR A 146 13.24 -0.02 -13.54
C THR A 146 13.51 0.23 -15.01
N ALA A 147 13.20 -0.76 -15.85
CA ALA A 147 13.32 -0.60 -17.27
C ALA A 147 12.44 0.41 -18.01
N LEU A 148 11.33 0.84 -17.41
CA LEU A 148 10.54 1.95 -17.88
C LEU A 148 11.13 3.34 -17.57
N ASN A 149 12.19 3.44 -16.78
CA ASN A 149 12.70 4.79 -16.49
C ASN A 149 13.27 5.46 -17.75
N SER A 150 13.45 4.68 -18.82
CA SER A 150 13.75 5.25 -20.14
C SER A 150 12.69 6.23 -20.59
N GLU A 151 11.51 6.16 -19.96
CA GLU A 151 10.37 7.03 -20.27
C GLU A 151 10.11 8.16 -19.28
N SER A 152 11.04 8.31 -18.34
CA SER A 152 10.95 9.36 -17.36
C SER A 152 11.22 10.75 -17.93
N ASN A 153 10.29 11.66 -17.76
CA ASN A 153 10.55 13.00 -18.25
C ASN A 153 11.22 13.89 -17.22
N PHE A 154 11.11 13.57 -15.93
CA PHE A 154 11.93 14.23 -14.93
C PHE A 154 13.41 13.92 -15.16
N ALA A 155 13.76 12.67 -15.39
CA ALA A 155 15.16 12.33 -15.60
C ALA A 155 15.75 13.18 -16.74
N ARG A 156 14.97 13.28 -17.81
CA ARG A 156 15.39 14.03 -19.00
C ARG A 156 15.52 15.52 -18.67
N ALA A 157 14.49 16.11 -18.08
CA ALA A 157 14.52 17.52 -17.80
C ALA A 157 15.62 17.93 -16.81
N TYR A 158 15.91 17.09 -15.83
CA TYR A 158 16.92 17.40 -14.83
C TYR A 158 18.29 17.51 -15.51
N ALA A 159 18.58 16.57 -16.41
CA ALA A 159 19.81 16.60 -17.17
C ALA A 159 19.94 17.89 -17.99
N GLU A 160 18.81 18.41 -18.50
CA GLU A 160 18.80 19.68 -19.24
C GLU A 160 18.77 20.90 -18.32
N GLY A 161 18.73 20.66 -17.03
CA GLY A 161 18.71 21.76 -16.08
C GLY A 161 17.31 22.32 -15.88
N ILE A 162 16.78 22.16 -14.69
CA ILE A 162 15.56 22.85 -14.38
C ILE A 162 15.70 23.38 -12.99
N HIS A 163 14.84 24.32 -12.66
CA HIS A 163 14.91 24.95 -11.37
C HIS A 163 14.26 24.08 -10.32
N ARG A 164 14.97 23.95 -9.20
CA ARG A 164 14.47 23.29 -8.00
C ARG A 164 12.96 23.44 -7.80
N THR A 165 12.45 24.65 -8.03
CA THR A 165 11.09 24.97 -7.60
C THR A 165 10.10 24.37 -8.58
N LYS A 166 10.63 23.84 -9.66
CA LYS A 166 9.79 23.26 -10.69
C LYS A 166 9.91 21.73 -10.76
N TYR A 167 10.71 21.11 -9.91
CA TYR A 167 10.81 19.64 -9.92
C TYR A 167 9.43 18.94 -9.86
N TRP A 168 8.55 19.42 -9.00
CA TRP A 168 7.33 18.71 -8.68
C TRP A 168 6.45 18.52 -9.93
N GLU A 169 6.62 19.41 -10.90
CA GLU A 169 5.78 19.43 -12.09
C GLU A 169 6.03 18.21 -12.94
N LEU A 170 7.30 17.87 -13.14
CA LEU A 170 7.64 16.71 -13.95
C LEU A 170 7.58 15.42 -13.14
N ILE A 171 7.85 15.51 -11.85
CA ILE A 171 7.58 14.41 -10.95
C ILE A 171 6.10 13.99 -11.05
N TYR A 172 5.21 14.95 -11.07
CA TYR A 172 3.80 14.71 -11.13
C TYR A 172 3.45 13.95 -12.38
N GLU A 173 4.07 14.35 -13.50
CA GLU A 173 3.83 13.71 -14.78
C GLU A 173 4.26 12.28 -14.84
N ASP A 174 5.44 12.01 -14.30
CA ASP A 174 5.99 10.68 -14.29
C ASP A 174 5.17 9.77 -13.36
N CYS A 175 4.74 10.29 -12.21
CA CYS A 175 3.91 9.51 -11.30
C CYS A 175 2.57 9.12 -11.95
N MET A 176 1.91 10.10 -12.55
CA MET A 176 0.69 9.86 -13.31
C MET A 176 0.87 8.80 -14.39
N ASP A 177 2.00 8.86 -15.11
CA ASP A 177 2.33 7.85 -16.13
C ASP A 177 2.62 6.47 -15.52
N LEU A 178 3.39 6.41 -14.45
CA LEU A 178 3.62 5.15 -13.82
C LEU A 178 2.34 4.49 -13.29
N ILE A 179 1.45 5.25 -12.67
CA ILE A 179 0.21 4.66 -12.16
C ILE A 179 -0.62 4.09 -13.29
N ALA A 180 -0.62 4.82 -14.40
CA ALA A 180 -1.38 4.45 -15.56
C ALA A 180 -0.89 3.11 -16.09
N LYS A 181 0.43 2.94 -16.07
CA LYS A 181 1.09 1.76 -16.64
C LYS A 181 1.04 0.53 -15.70
N LEU A 182 0.96 0.75 -14.40
CA LEU A 182 1.16 -0.33 -13.44
C LEU A 182 0.28 -1.56 -13.71
N PRO A 183 -1.03 -1.34 -13.92
CA PRO A 183 -1.88 -2.49 -14.13
C PRO A 183 -1.55 -3.27 -15.39
N CYS A 184 -1.07 -2.60 -16.43
CA CYS A 184 -0.60 -3.26 -17.65
CA CYS A 184 -0.59 -3.26 -17.66
C CYS A 184 0.59 -4.19 -17.39
N VAL A 185 1.59 -3.70 -16.69
CA VAL A 185 2.71 -4.49 -16.31
C VAL A 185 2.26 -5.66 -15.44
N ALA A 186 1.50 -5.37 -14.39
CA ALA A 186 1.07 -6.42 -13.48
C ALA A 186 0.22 -7.51 -14.13
N ALA A 187 -0.61 -7.15 -15.13
CA ALA A 187 -1.45 -8.12 -15.77
C ALA A 187 -0.69 -8.97 -16.76
N LYS A 188 0.30 -8.38 -17.42
CA LYS A 188 1.20 -9.21 -18.25
C LYS A 188 1.96 -10.27 -17.44
N ILE A 189 2.44 -9.89 -16.27
CA ILE A 189 3.05 -10.84 -15.38
C ILE A 189 2.08 -11.97 -15.00
N TYR A 190 0.86 -11.62 -14.58
CA TYR A 190 -0.18 -12.60 -14.22
C TYR A 190 -0.48 -13.57 -15.36
N ARG A 191 -0.73 -13.03 -16.56
CA ARG A 191 -1.02 -13.89 -17.70
C ARG A 191 0.14 -14.74 -18.18
N ASN A 192 1.35 -14.20 -18.06
CA ASN A 192 2.49 -14.96 -18.54
C ASN A 192 2.79 -16.08 -17.56
N LEU A 193 2.58 -15.85 -16.28
CA LEU A 193 2.84 -16.89 -15.30
C LEU A 193 1.70 -17.87 -15.22
N TYR A 194 0.46 -17.38 -15.27
CA TYR A 194 -0.65 -18.22 -14.89
C TYR A 194 -1.72 -18.43 -15.97
N ARG A 195 -1.62 -17.76 -17.13
CA ARG A 195 -2.55 -17.99 -18.23
CA ARG A 195 -2.56 -17.92 -18.24
C ARG A 195 -1.85 -18.18 -19.58
N GLU A 196 -0.76 -18.93 -19.55
CA GLU A 196 -0.06 -19.39 -20.75
C GLU A 196 0.36 -18.28 -21.71
N GLY A 197 0.61 -17.10 -21.17
CA GLY A 197 1.15 -15.98 -21.96
C GLY A 197 0.15 -15.43 -22.94
N SER A 198 -1.13 -15.64 -22.68
CA SER A 198 -2.16 -15.01 -23.47
C SER A 198 -2.11 -13.47 -23.33
N SER A 199 -2.64 -12.76 -24.35
CA SER A 199 -2.69 -11.31 -24.40
C SER A 199 -3.56 -10.66 -23.30
N ILE A 200 -3.09 -9.54 -22.73
CA ILE A 200 -3.88 -8.71 -21.80
C ILE A 200 -4.95 -7.83 -22.48
N GLY A 201 -4.88 -7.75 -23.80
CA GLY A 201 -5.90 -7.03 -24.57
C GLY A 201 -5.69 -5.52 -24.46
N ALA A 202 -6.72 -4.77 -24.81
CA ALA A 202 -6.60 -3.34 -24.92
C ALA A 202 -7.24 -2.66 -23.72
N ILE A 203 -6.76 -1.46 -23.46
CA ILE A 203 -7.35 -0.51 -22.55
C ILE A 203 -8.66 0.03 -23.13
N ASP A 204 -9.65 0.24 -22.29
CA ASP A 204 -10.88 0.92 -22.72
C ASP A 204 -10.91 2.29 -22.02
N SER A 205 -11.04 3.34 -22.79
CA SER A 205 -10.81 4.66 -22.24
C SER A 205 -12.03 5.19 -21.48
N LYS A 206 -13.16 4.51 -21.57
CA LYS A 206 -14.34 4.89 -20.77
C LYS A 206 -14.49 4.16 -19.43
N LEU A 207 -13.60 3.21 -19.14
CA LEU A 207 -13.67 2.49 -17.87
C LEU A 207 -12.73 3.10 -16.83
N ASP A 208 -12.96 2.75 -15.56
CA ASP A 208 -12.02 3.15 -14.51
C ASP A 208 -10.84 2.19 -14.39
N TRP A 209 -9.80 2.63 -13.66
CA TRP A 209 -8.52 1.96 -13.54
C TRP A 209 -8.65 0.50 -13.14
N SER A 210 -9.45 0.24 -12.11
CA SER A 210 -9.62 -1.11 -11.58
C SER A 210 -10.31 -2.04 -12.57
N HIS A 211 -11.26 -1.50 -13.32
CA HIS A 211 -12.01 -2.29 -14.28
C HIS A 211 -11.13 -2.68 -15.47
N ASN A 212 -10.36 -1.72 -15.96
CA ASN A 212 -9.35 -2.06 -16.96
C ASN A 212 -8.37 -3.11 -16.46
N PHE A 213 -7.93 -3.01 -15.20
CA PHE A 213 -7.02 -3.99 -14.61
C PHE A 213 -7.65 -5.36 -14.54
N THR A 214 -8.90 -5.48 -14.06
CA THR A 214 -9.48 -6.84 -13.96
C THR A 214 -9.80 -7.45 -15.34
N ASN A 215 -10.13 -6.61 -16.32
CA ASN A 215 -10.23 -7.06 -17.70
C ASN A 215 -8.93 -7.65 -18.25
N MET A 216 -7.85 -6.92 -18.02
CA MET A 216 -6.54 -7.32 -18.50
C MET A 216 -6.04 -8.58 -17.79
N LEU A 217 -6.40 -8.73 -16.50
CA LEU A 217 -6.15 -9.98 -15.78
C LEU A 217 -6.92 -11.21 -16.28
N GLY A 218 -7.97 -10.99 -17.06
CA GLY A 218 -8.82 -12.07 -17.58
C GLY A 218 -10.06 -12.40 -16.75
N TYR A 219 -10.39 -11.58 -15.76
CA TYR A 219 -11.56 -11.81 -14.90
C TYR A 219 -12.80 -11.10 -15.47
N THR A 220 -13.95 -11.72 -15.27
CA THR A 220 -15.22 -11.19 -15.77
C THR A 220 -16.31 -10.93 -14.73
N ASP A 221 -16.19 -11.46 -13.52
CA ASP A 221 -17.18 -11.22 -12.45
C ASP A 221 -17.23 -9.75 -12.07
N ALA A 222 -18.40 -9.11 -12.20
CA ALA A 222 -18.57 -7.70 -11.75
C ALA A 222 -18.17 -7.47 -10.29
N GLN A 223 -18.43 -8.45 -9.42
CA GLN A 223 -18.07 -8.33 -7.99
C GLN A 223 -16.59 -8.49 -7.69
N PHE A 224 -15.84 -9.17 -8.54
CA PHE A 224 -14.38 -9.14 -8.42
C PHE A 224 -13.84 -7.75 -8.69
N THR A 225 -14.44 -7.06 -9.64
CA THR A 225 -14.02 -5.69 -9.97
C THR A 225 -14.35 -4.76 -8.82
N GLU A 226 -15.50 -4.98 -8.17
CA GLU A 226 -15.83 -4.27 -6.95
C GLU A 226 -14.84 -4.57 -5.81
N LEU A 227 -14.44 -5.84 -5.68
CA LEU A 227 -13.45 -6.19 -4.67
C LEU A 227 -12.13 -5.42 -4.94
N MET A 228 -11.74 -5.33 -6.21
CA MET A 228 -10.46 -4.75 -6.60
C MET A 228 -10.42 -3.26 -6.27
N ARG A 229 -11.52 -2.58 -6.57
CA ARG A 229 -11.71 -1.17 -6.19
C ARG A 229 -11.46 -0.95 -4.70
N LEU A 230 -12.18 -1.70 -3.88
CA LEU A 230 -12.03 -1.64 -2.43
C LEU A 230 -10.60 -1.95 -1.99
N TYR A 231 -10.06 -3.04 -2.49
CA TYR A 231 -8.73 -3.49 -2.11
C TYR A 231 -7.64 -2.47 -2.42
N LEU A 232 -7.65 -1.94 -3.64
CA LEU A 232 -6.67 -0.93 -4.04
C LEU A 232 -6.80 0.36 -3.25
N THR A 233 -8.01 0.72 -2.88
CA THR A 233 -8.19 1.92 -2.07
C THR A 233 -7.60 1.73 -0.66
N ILE A 234 -7.88 0.62 0.01
CA ILE A 234 -7.57 0.48 1.43
C ILE A 234 -6.12 0.10 1.73
N HIS A 235 -5.42 -0.48 0.76
CA HIS A 235 -4.00 -0.75 0.96
C HIS A 235 -3.08 0.40 0.49
N SER A 236 -3.67 1.52 0.10
CA SER A 236 -2.96 2.60 -0.61
C SER A 236 -1.85 3.30 0.16
N ASP A 237 -1.98 3.42 1.48
CA ASP A 237 -0.98 4.14 2.29
C ASP A 237 -1.14 3.78 3.78
N HIS A 238 -0.03 3.86 4.49
CA HIS A 238 -0.01 3.60 5.90
C HIS A 238 1.23 4.23 6.53
N GLU A 239 1.24 5.56 6.53
CA GLU A 239 2.38 6.35 7.03
C GLU A 239 3.67 6.11 6.25
N GLY A 240 4.76 6.69 6.70
CA GLY A 240 6.00 6.66 5.93
C GLY A 240 7.08 5.77 6.50
N GLY A 241 6.84 5.21 7.68
CA GLY A 241 7.85 4.44 8.39
C GLY A 241 7.92 2.98 7.93
N ASN A 242 6.93 2.49 7.22
CA ASN A 242 7.00 1.13 6.68
C ASN A 242 8.09 1.06 5.57
N VAL A 243 8.58 -0.14 5.28
CA VAL A 243 9.79 -0.22 4.48
C VAL A 243 9.54 0.20 3.02
N SER A 244 8.37 -0.11 2.50
CA SER A 244 8.11 0.25 1.12
C SER A 244 8.06 1.76 0.91
N ALA A 245 7.30 2.43 1.77
CA ALA A 245 7.21 3.89 1.75
C ALA A 245 8.52 4.63 2.08
N HIS A 246 9.21 4.22 3.13
CA HIS A 246 10.45 4.82 3.48
C HIS A 246 11.51 4.63 2.39
N THR A 247 11.58 3.44 1.77
CA THR A 247 12.43 3.20 0.61
C THR A 247 12.18 4.11 -0.60
N SER A 248 10.92 4.28 -1.02
CA SER A 248 10.56 5.29 -2.01
C SER A 248 10.99 6.68 -1.60
N HIS A 249 10.79 7.02 -0.33
CA HIS A 249 11.13 8.33 0.18
C HIS A 249 12.64 8.60 0.12
N LEU A 250 13.41 7.59 0.54
CA LEU A 250 14.85 7.68 0.59
C LEU A 250 15.51 7.72 -0.78
N VAL A 251 15.11 6.80 -1.67
CA VAL A 251 15.62 6.82 -3.01
C VAL A 251 15.16 8.09 -3.74
N GLY A 252 13.90 8.41 -3.61
CA GLY A 252 13.40 9.72 -4.09
C GLY A 252 14.19 10.98 -3.76
N SER A 253 14.65 11.05 -2.50
CA SER A 253 15.37 12.19 -2.01
C SER A 253 16.71 12.46 -2.72
N ALA A 254 17.28 11.41 -3.35
CA ALA A 254 18.45 11.56 -4.22
C ALA A 254 18.10 12.09 -5.62
N LEU A 255 16.81 12.33 -5.85
CA LEU A 255 16.28 12.83 -7.13
C LEU A 255 16.34 11.75 -8.21
N SER A 256 16.36 10.49 -7.75
CA SER A 256 15.97 9.40 -8.63
C SER A 256 14.47 9.56 -8.99
N ASP A 257 14.15 9.31 -10.25
CA ASP A 257 12.80 9.51 -10.75
C ASP A 257 11.84 8.48 -10.14
N PRO A 258 10.51 8.69 -10.30
CA PRO A 258 9.51 7.79 -9.73
C PRO A 258 9.57 6.32 -10.09
N TYR A 259 10.10 6.06 -11.28
CA TYR A 259 10.24 4.69 -11.74
C TYR A 259 11.24 4.00 -10.85
N LEU A 260 12.39 4.64 -10.71
CA LEU A 260 13.47 4.05 -9.93
C LEU A 260 13.14 3.97 -8.45
N SER A 261 12.49 5.02 -7.90
CA SER A 261 12.01 5.06 -6.54
C SER A 261 10.99 4.00 -6.19
N PHE A 262 10.00 3.84 -7.07
CA PHE A 262 8.99 2.80 -6.92
C PHE A 262 9.56 1.36 -7.08
N ALA A 263 10.45 1.11 -8.04
CA ALA A 263 11.04 -0.22 -8.15
C ALA A 263 11.85 -0.59 -6.91
N ALA A 264 12.62 0.37 -6.43
CA ALA A 264 13.35 0.14 -5.17
C ALA A 264 12.38 -0.19 -4.04
N ALA A 265 11.30 0.57 -3.95
CA ALA A 265 10.25 0.30 -2.92
C ALA A 265 9.64 -1.11 -3.05
N MET A 266 9.52 -1.65 -4.28
CA MET A 266 8.98 -3.00 -4.49
C MET A 266 9.97 -4.10 -4.03
N ASN A 267 11.27 -3.83 -4.17
CA ASN A 267 12.28 -4.68 -3.58
C ASN A 267 12.24 -4.79 -2.06
N GLY A 268 11.84 -3.72 -1.38
CA GLY A 268 11.56 -3.76 0.03
C GLY A 268 10.25 -4.41 0.43
N LEU A 269 9.19 -4.15 -0.33
CA LEU A 269 7.93 -4.84 -0.16
C LEU A 269 8.04 -6.36 -0.34
N ALA A 270 8.97 -6.81 -1.19
CA ALA A 270 9.14 -8.22 -1.45
C ALA A 270 9.77 -8.98 -0.30
N GLY A 271 10.28 -8.22 0.68
CA GLY A 271 10.89 -8.83 1.85
C GLY A 271 9.87 -9.53 2.69
N PRO A 272 10.24 -10.69 3.26
CA PRO A 272 9.29 -11.50 4.01
C PRO A 272 8.73 -10.83 5.26
N LEU A 273 9.43 -9.83 5.77
CA LEU A 273 8.94 -9.12 6.94
C LEU A 273 8.00 -7.94 6.63
N HIS A 274 7.68 -7.70 5.35
CA HIS A 274 6.83 -6.59 4.98
C HIS A 274 5.67 -7.06 4.10
N GLY A 275 5.95 -7.97 3.18
CA GLY A 275 5.04 -8.20 2.04
C GLY A 275 4.21 -9.46 2.05
N LEU A 276 4.37 -10.28 3.08
CA LEU A 276 3.86 -11.64 3.07
C LEU A 276 2.80 -11.99 4.12
N ALA A 277 2.20 -10.99 4.77
CA ALA A 277 1.27 -11.26 5.87
C ALA A 277 -0.07 -11.91 5.42
N ASN A 278 -0.60 -11.43 4.30
CA ASN A 278 -1.80 -11.96 3.69
C ASN A 278 -1.62 -13.46 3.45
N GLN A 279 -0.52 -13.81 2.79
CA GLN A 279 -0.23 -15.20 2.47
C GLN A 279 -0.03 -16.07 3.70
N GLU A 280 0.68 -15.55 4.69
CA GLU A 280 0.95 -16.33 5.90
C GLU A 280 -0.37 -16.70 6.60
N VAL A 281 -1.28 -15.73 6.64
CA VAL A 281 -2.59 -15.98 7.23
C VAL A 281 -3.35 -17.05 6.41
N LEU A 282 -3.38 -16.90 5.10
CA LEU A 282 -4.16 -17.83 4.28
C LEU A 282 -3.61 -19.27 4.40
N VAL A 283 -2.29 -19.41 4.46
CA VAL A 283 -1.71 -20.73 4.63
C VAL A 283 -2.13 -21.38 5.99
N TRP A 284 -2.16 -20.57 7.04
CA TRP A 284 -2.53 -20.99 8.38
C TRP A 284 -3.99 -21.34 8.45
N LEU A 285 -4.83 -20.54 7.80
CA LEU A 285 -6.26 -20.85 7.69
C LEU A 285 -6.52 -22.17 6.99
N THR A 286 -5.82 -22.38 5.89
CA THR A 286 -5.88 -23.64 5.13
C THR A 286 -5.53 -24.86 5.97
N GLN A 287 -4.42 -24.79 6.70
CA GLN A 287 -3.99 -25.83 7.65
CA GLN A 287 -4.02 -25.86 7.60
C GLN A 287 -5.07 -26.04 8.71
N LEU A 288 -5.56 -24.93 9.27
CA LEU A 288 -6.60 -24.99 10.29
C LEU A 288 -7.87 -25.72 9.81
N GLN A 289 -8.41 -25.34 8.66
CA GLN A 289 -9.64 -25.93 8.21
C GLN A 289 -9.42 -27.46 8.05
N LYS A 290 -8.20 -27.87 7.69
CA LYS A 290 -7.93 -29.30 7.53
C LYS A 290 -7.95 -30.02 8.87
N GLU A 291 -7.35 -29.40 9.87
CA GLU A 291 -7.27 -29.96 11.19
C GLU A 291 -8.64 -30.11 11.84
N VAL A 292 -9.45 -29.05 11.81
CA VAL A 292 -10.68 -29.02 12.61
C VAL A 292 -11.95 -29.27 11.82
N GLY A 293 -11.88 -29.15 10.51
CA GLY A 293 -13.02 -29.51 9.70
C GLY A 293 -13.98 -28.39 9.41
N LYS A 294 -15.00 -28.67 8.62
CA LYS A 294 -15.74 -27.61 7.95
C LYS A 294 -16.86 -26.98 8.81
N ASP A 295 -17.50 -27.74 9.68
CA ASP A 295 -18.46 -27.08 10.57
C ASP A 295 -18.05 -27.24 12.04
N VAL A 296 -16.91 -26.67 12.38
CA VAL A 296 -16.36 -26.84 13.70
C VAL A 296 -17.20 -26.08 14.76
N SER A 297 -17.33 -26.68 15.94
CA SER A 297 -18.02 -26.06 17.04
C SER A 297 -17.19 -24.91 17.60
N ASP A 298 -17.86 -23.94 18.21
CA ASP A 298 -17.17 -22.84 18.88
C ASP A 298 -16.19 -23.38 19.95
N GLU A 299 -16.62 -24.38 20.71
CA GLU A 299 -15.80 -25.01 21.73
C GLU A 299 -14.50 -25.58 21.15
N LYS A 300 -14.64 -26.39 20.11
CA LYS A 300 -13.49 -27.09 19.52
C LYS A 300 -12.50 -26.15 18.83
N LEU A 301 -13.00 -25.09 18.19
CA LEU A 301 -12.15 -24.01 17.69
C LEU A 301 -11.40 -23.31 18.80
N ARG A 302 -12.10 -22.97 19.88
CA ARG A 302 -11.47 -22.33 21.03
C ARG A 302 -10.35 -23.20 21.60
N ASP A 303 -10.59 -24.50 21.70
CA ASP A 303 -9.56 -25.45 22.17
C ASP A 303 -8.32 -25.38 21.28
N TYR A 304 -8.53 -25.42 19.97
CA TYR A 304 -7.42 -25.43 19.03
C TYR A 304 -6.54 -24.20 19.23
N ILE A 305 -7.19 -23.06 19.36
CA ILE A 305 -6.50 -21.82 19.56
C ILE A 305 -5.71 -21.82 20.85
N TRP A 306 -6.36 -22.14 21.97
CA TRP A 306 -5.65 -22.30 23.24
C TRP A 306 -4.45 -23.26 23.13
N ASN A 307 -4.63 -24.42 22.50
CA ASN A 307 -3.55 -25.40 22.30
CA ASN A 307 -3.50 -25.35 22.43
C ASN A 307 -2.39 -24.80 21.54
N THR A 308 -2.72 -23.81 20.73
CA THR A 308 -1.76 -23.17 19.84
C THR A 308 -0.99 -22.08 20.59
N LEU A 309 -1.68 -21.24 21.35
CA LEU A 309 -1.03 -20.27 22.22
C LEU A 309 -0.17 -20.92 23.33
N ASN A 310 -0.70 -21.99 23.92
CA ASN A 310 0.02 -22.73 24.95
C ASN A 310 1.06 -23.63 24.32
N SER A 311 1.43 -23.37 23.08
CA SER A 311 2.48 -24.13 22.45
C SER A 311 3.53 -23.15 21.94
N GLY A 312 3.40 -21.88 22.36
CA GLY A 312 4.35 -20.85 21.98
C GLY A 312 4.16 -20.35 20.55
N ARG A 313 3.08 -20.77 19.91
CA ARG A 313 2.75 -20.22 18.58
C ARG A 313 1.78 -19.03 18.68
N VAL A 314 1.59 -18.35 17.56
CA VAL A 314 0.74 -17.15 17.55
C VAL A 314 -0.39 -17.32 16.53
N VAL A 315 -1.43 -16.50 16.65
CA VAL A 315 -2.50 -16.45 15.63
CA VAL A 315 -2.49 -16.45 15.62
C VAL A 315 -2.19 -15.32 14.65
N PRO A 316 -1.94 -15.67 13.40
CA PRO A 316 -1.55 -14.66 12.43
C PRO A 316 -2.65 -13.70 12.11
N GLY A 317 -2.28 -12.44 11.95
CA GLY A 317 -3.23 -11.39 11.63
C GLY A 317 -3.90 -10.75 12.84
N TYR A 318 -3.55 -11.17 14.05
CA TYR A 318 -4.18 -10.64 15.26
C TYR A 318 -3.15 -10.02 16.19
N GLY A 319 -3.50 -8.86 16.74
CA GLY A 319 -2.68 -8.18 17.75
C GLY A 319 -1.95 -6.98 17.19
N HIS A 320 -2.02 -5.84 17.89
CA HIS A 320 -1.30 -4.62 17.50
C HIS A 320 -0.66 -3.98 18.74
N ALA A 321 0.41 -3.23 18.52
CA ALA A 321 1.10 -2.57 19.62
C ALA A 321 0.48 -1.20 19.92
N VAL A 322 -0.18 -0.60 18.93
CA VAL A 322 -0.72 0.76 19.10
C VAL A 322 -2.24 0.88 18.92
N LEU A 323 -2.78 0.33 17.83
CA LEU A 323 -4.18 0.52 17.49
C LEU A 323 -5.04 -0.22 18.50
N ARG A 324 -5.99 0.49 19.10
CA ARG A 324 -6.68 -0.06 20.27
C ARG A 324 -7.95 -0.85 19.92
N LYS A 325 -8.24 -1.01 18.64
CA LYS A 325 -9.44 -1.72 18.19
C LYS A 325 -9.16 -2.42 16.85
N THR A 326 -10.16 -3.16 16.35
CA THR A 326 -10.15 -3.78 15.04
C THR A 326 -9.76 -2.75 13.95
N ASP A 327 -8.82 -3.11 13.10
CA ASP A 327 -8.43 -2.30 11.94
C ASP A 327 -9.68 -2.04 11.11
N PRO A 328 -9.96 -0.78 10.76
CA PRO A 328 -11.17 -0.64 9.95
C PRO A 328 -11.05 -1.21 8.54
N ARG A 329 -9.83 -1.41 8.08
CA ARG A 329 -9.56 -2.09 6.81
C ARG A 329 -9.96 -3.57 6.92
N TYR A 330 -9.91 -4.14 8.11
CA TYR A 330 -10.47 -5.48 8.35
C TYR A 330 -11.99 -5.41 8.27
N THR A 331 -12.59 -4.41 8.94
CA THR A 331 -14.03 -4.28 8.96
CA THR A 331 -14.04 -4.33 8.95
C THR A 331 -14.64 -4.06 7.56
N CYS A 332 -13.98 -3.25 6.73
CA CYS A 332 -14.42 -3.05 5.33
C CYS A 332 -14.57 -4.36 4.59
N GLN A 333 -13.57 -5.22 4.70
CA GLN A 333 -13.62 -6.49 4.03
C GLN A 333 -14.65 -7.47 4.59
N ARG A 334 -14.77 -7.51 5.91
CA ARG A 334 -15.88 -8.19 6.59
C ARG A 334 -17.26 -7.92 5.99
N GLU A 335 -17.62 -6.64 5.90
CA GLU A 335 -18.91 -6.24 5.34
C GLU A 335 -19.08 -6.61 3.88
N PHE A 336 -18.02 -6.47 3.11
CA PHE A 336 -18.07 -6.92 1.75
C PHE A 336 -18.44 -8.40 1.74
N ALA A 337 -17.75 -9.21 2.53
CA ALA A 337 -17.98 -10.67 2.55
C ALA A 337 -19.39 -11.04 3.03
N LEU A 338 -19.89 -10.32 4.02
CA LEU A 338 -21.28 -10.49 4.48
C LEU A 338 -22.32 -10.21 3.38
N LYS A 339 -22.07 -9.26 2.50
CA LYS A 339 -22.99 -9.06 1.38
C LYS A 339 -22.81 -10.01 0.22
N HIS A 340 -21.57 -10.38 -0.10
CA HIS A 340 -21.33 -11.06 -1.39
C HIS A 340 -20.90 -12.50 -1.31
N LEU A 341 -20.44 -12.97 -0.15
CA LEU A 341 -20.01 -14.37 -0.05
C LEU A 341 -20.09 -14.96 1.37
N PRO A 342 -21.20 -14.67 2.08
CA PRO A 342 -21.46 -15.03 3.49
C PRO A 342 -21.54 -16.54 3.73
N HIS A 343 -21.78 -17.27 2.66
CA HIS A 343 -21.85 -18.72 2.84
CA HIS A 343 -21.89 -18.73 2.63
C HIS A 343 -20.56 -19.46 2.48
N ASP A 344 -19.49 -18.74 2.11
CA ASP A 344 -18.24 -19.39 1.79
C ASP A 344 -17.58 -20.01 3.00
N PRO A 345 -17.10 -21.25 2.85
CA PRO A 345 -16.64 -21.92 4.05
C PRO A 345 -15.42 -21.27 4.72
N MET A 346 -14.47 -20.76 3.93
CA MET A 346 -13.27 -20.15 4.52
C MET A 346 -13.63 -18.80 5.15
N PHE A 347 -14.54 -18.05 4.55
CA PHE A 347 -15.02 -16.85 5.25
C PHE A 347 -15.67 -17.16 6.60
N LYS A 348 -16.45 -18.24 6.67
CA LYS A 348 -17.12 -18.61 7.92
C LYS A 348 -16.11 -18.88 9.03
N LEU A 349 -14.97 -19.42 8.66
CA LEU A 349 -13.90 -19.68 9.59
C LEU A 349 -13.27 -18.39 10.06
N VAL A 350 -13.05 -17.49 9.12
CA VAL A 350 -12.51 -16.17 9.41
C VAL A 350 -13.48 -15.39 10.30
N ALA A 351 -14.76 -15.52 10.04
CA ALA A 351 -15.73 -14.90 10.90
C ALA A 351 -15.74 -15.55 12.29
N GLN A 352 -15.57 -16.86 12.36
CA GLN A 352 -15.64 -17.60 13.59
C GLN A 352 -14.44 -17.26 14.46
N LEU A 353 -13.28 -17.09 13.84
CA LEU A 353 -12.09 -16.65 14.58
C LEU A 353 -12.29 -15.25 15.17
N TYR A 354 -12.86 -14.36 14.37
CA TYR A 354 -13.17 -13.02 14.86
C TYR A 354 -14.06 -13.09 16.09
N LYS A 355 -14.99 -14.03 16.16
CA LYS A 355 -15.87 -14.17 17.34
C LYS A 355 -15.08 -14.62 18.60
N ILE A 356 -14.10 -15.49 18.40
CA ILE A 356 -13.50 -16.28 19.47
C ILE A 356 -12.07 -15.89 19.87
N VAL A 357 -11.25 -15.52 18.90
CA VAL A 357 -9.83 -15.32 19.16
C VAL A 357 -9.58 -14.21 20.16
N PRO A 358 -10.26 -13.08 19.99
CA PRO A 358 -9.84 -11.96 20.83
C PRO A 358 -9.88 -12.26 22.33
N ASN A 359 -10.93 -12.98 22.75
CA ASN A 359 -11.05 -13.33 24.15
C ASN A 359 -9.99 -14.34 24.57
N VAL A 360 -9.68 -15.31 23.73
CA VAL A 360 -8.61 -16.22 24.11
C VAL A 360 -7.24 -15.52 24.28
N LEU A 361 -6.95 -14.52 23.44
CA LEU A 361 -5.76 -13.70 23.60
C LEU A 361 -5.71 -12.92 24.91
N LEU A 362 -6.87 -12.45 25.36
CA LEU A 362 -6.96 -11.83 26.68
C LEU A 362 -6.71 -12.82 27.85
N GLU A 363 -7.38 -13.96 27.85
CA GLU A 363 -7.11 -14.98 28.88
C GLU A 363 -5.59 -15.16 28.99
N GLN A 364 -4.90 -15.25 27.85
CA GLN A 364 -3.44 -15.37 27.87
C GLN A 364 -2.81 -14.10 28.44
N GLY A 365 -3.59 -13.02 28.49
CA GLY A 365 -3.09 -11.72 28.96
C GLY A 365 -2.17 -11.07 27.94
N LYS A 366 -1.01 -11.70 27.73
CA LYS A 366 0.02 -11.27 26.77
C LYS A 366 -0.36 -10.18 25.74
N ALA A 367 -0.73 -10.58 24.52
CA ALA A 367 -0.99 -9.60 23.45
C ALA A 367 -1.77 -8.38 23.95
N LYS A 368 -1.22 -7.20 23.72
CA LYS A 368 -1.79 -5.98 24.26
C LYS A 368 -3.19 -5.69 23.72
N ASN A 369 -3.28 -5.55 22.40
CA ASN A 369 -4.54 -5.20 21.71
C ASN A 369 -4.95 -6.30 20.72
N PRO A 370 -5.80 -7.24 21.15
CA PRO A 370 -5.99 -8.54 20.50
C PRO A 370 -6.94 -8.56 19.30
N TRP A 371 -6.82 -7.55 18.43
CA TRP A 371 -7.72 -7.33 17.29
C TRP A 371 -7.02 -7.56 15.95
N PRO A 372 -7.81 -7.91 14.93
CA PRO A 372 -7.27 -8.30 13.63
C PRO A 372 -6.97 -7.10 12.76
N ASN A 373 -6.02 -7.30 11.85
CA ASN A 373 -5.62 -6.31 10.87
C ASN A 373 -6.08 -6.69 9.48
N VAL A 374 -5.80 -5.82 8.52
CA VAL A 374 -6.28 -5.95 7.14
C VAL A 374 -5.90 -7.32 6.55
N ASP A 375 -4.72 -7.83 6.92
CA ASP A 375 -4.16 -9.07 6.36
C ASP A 375 -4.85 -10.38 6.82
N ALA A 376 -5.70 -10.26 7.85
CA ALA A 376 -6.40 -11.43 8.36
C ALA A 376 -7.61 -11.72 7.48
N HIS A 377 -8.01 -10.75 6.66
CA HIS A 377 -9.19 -10.88 5.82
C HIS A 377 -8.99 -10.95 4.29
N SER A 378 -7.86 -10.49 3.78
CA SER A 378 -7.76 -10.30 2.33
C SER A 378 -7.63 -11.59 1.50
N GLY A 379 -6.81 -12.55 1.93
CA GLY A 379 -6.66 -13.80 1.18
C GLY A 379 -7.96 -14.53 0.87
N VAL A 380 -8.90 -14.60 1.81
CA VAL A 380 -10.04 -15.51 1.59
C VAL A 380 -10.93 -14.89 0.54
N LEU A 381 -10.86 -13.56 0.47
CA LEU A 381 -11.63 -12.82 -0.52
C LEU A 381 -11.06 -13.03 -1.93
N LEU A 382 -9.75 -12.84 -2.09
CA LEU A 382 -9.09 -13.13 -3.37
C LEU A 382 -9.40 -14.54 -3.84
N GLN A 383 -9.17 -15.49 -2.94
CA GLN A 383 -9.38 -16.92 -3.18
C GLN A 383 -10.78 -17.23 -3.70
N TYR A 384 -11.79 -16.57 -3.16
CA TYR A 384 -13.15 -16.85 -3.51
C TYR A 384 -13.46 -16.56 -4.98
N TYR A 385 -12.88 -15.49 -5.50
CA TYR A 385 -13.10 -15.12 -6.89
C TYR A 385 -12.14 -15.82 -7.83
N GLY A 386 -11.31 -16.72 -7.30
CA GLY A 386 -10.46 -17.56 -8.14
C GLY A 386 -9.04 -17.06 -8.33
N MET A 387 -8.67 -16.05 -7.57
CA MET A 387 -7.32 -15.47 -7.57
C MET A 387 -6.56 -16.19 -6.45
N THR A 388 -6.01 -17.34 -6.82
CA THR A 388 -5.51 -18.33 -5.89
C THR A 388 -3.98 -18.39 -5.83
N GLU A 389 -3.33 -17.64 -6.71
CA GLU A 389 -1.89 -17.66 -6.87
C GLU A 389 -1.23 -16.76 -5.84
N MET A 390 -0.99 -17.33 -4.68
CA MET A 390 -0.49 -16.60 -3.52
C MET A 390 0.80 -15.83 -3.73
N ASN A 391 1.73 -16.34 -4.54
CA ASN A 391 2.97 -15.57 -4.83
C ASN A 391 2.71 -14.19 -5.47
N TYR A 392 1.57 -14.12 -6.13
CA TYR A 392 1.14 -12.94 -6.85
C TYR A 392 0.53 -11.90 -5.94
N TYR A 393 0.10 -12.27 -4.73
CA TYR A 393 -0.69 -11.35 -3.93
C TYR A 393 0.07 -10.06 -3.53
N THR A 394 1.38 -10.17 -3.34
CA THR A 394 2.19 -8.97 -3.11
C THR A 394 2.23 -8.01 -4.31
N VAL A 395 2.08 -8.52 -5.53
CA VAL A 395 1.96 -7.59 -6.64
C VAL A 395 0.74 -6.69 -6.47
N LEU A 396 -0.41 -7.26 -6.12
CA LEU A 396 -1.58 -6.37 -5.88
C LEU A 396 -1.35 -5.33 -4.80
N PHE A 397 -0.75 -5.72 -3.69
CA PHE A 397 -0.43 -4.79 -2.62
C PHE A 397 0.40 -3.62 -3.21
N GLY A 398 1.39 -3.96 -4.02
CA GLY A 398 2.23 -2.96 -4.70
C GLY A 398 1.51 -1.99 -5.61
N VAL A 399 0.63 -2.52 -6.47
CA VAL A 399 -0.14 -1.66 -7.35
C VAL A 399 -0.95 -0.66 -6.50
N SER A 400 -1.48 -1.13 -5.36
CA SER A 400 -2.21 -0.23 -4.44
C SER A 400 -1.31 0.83 -3.78
N ARG A 401 -0.22 0.36 -3.21
CA ARG A 401 0.66 1.22 -2.43
C ARG A 401 1.31 2.33 -3.26
N ALA A 402 1.41 2.15 -4.57
CA ALA A 402 1.80 3.22 -5.48
C ALA A 402 1.06 4.55 -5.29
N LEU A 403 -0.24 4.45 -5.03
CA LEU A 403 -1.06 5.64 -4.90
C LEU A 403 -0.56 6.48 -3.76
N GLY A 404 -0.28 5.83 -2.64
CA GLY A 404 0.17 6.55 -1.45
C GLY A 404 1.57 7.11 -1.58
N VAL A 405 2.52 6.22 -1.93
CA VAL A 405 3.94 6.61 -1.97
C VAL A 405 4.23 7.62 -3.08
N LEU A 406 3.47 7.60 -4.18
CA LEU A 406 3.70 8.54 -5.25
C LEU A 406 3.03 9.90 -4.96
N ALA A 407 1.92 9.91 -4.23
CA ALA A 407 1.26 11.17 -3.83
C ALA A 407 2.18 11.91 -2.90
N GLN A 408 2.77 11.19 -1.97
CA GLN A 408 3.77 11.81 -1.13
C GLN A 408 5.00 12.29 -1.91
N LEU A 409 5.47 11.48 -2.87
CA LEU A 409 6.67 11.84 -3.62
C LEU A 409 6.50 13.20 -4.34
N ILE A 410 5.30 13.46 -4.85
CA ILE A 410 5.05 14.75 -5.47
C ILE A 410 5.28 15.89 -4.48
N TRP A 411 4.90 15.66 -3.19
CA TRP A 411 4.93 16.69 -2.13
C TRP A 411 6.30 16.75 -1.50
N SER A 412 7.01 15.63 -1.41
CA SER A 412 8.43 15.72 -1.04
C SER A 412 9.21 16.71 -1.94
N ARG A 413 8.93 16.66 -3.25
CA ARG A 413 9.59 17.49 -4.23
C ARG A 413 9.02 18.92 -4.28
N ALA A 414 7.69 19.09 -4.18
CA ALA A 414 7.06 20.43 -4.07
C ALA A 414 7.63 21.21 -2.91
N LEU A 415 7.83 20.55 -1.77
CA LEU A 415 8.31 21.23 -0.58
C LEU A 415 9.84 21.28 -0.48
N GLY A 416 10.54 20.72 -1.46
CA GLY A 416 12.00 20.80 -1.48
C GLY A 416 12.68 20.03 -0.37
N PHE A 417 12.12 18.88 0.02
CA PHE A 417 12.79 18.06 1.02
C PHE A 417 14.20 17.67 0.52
N PRO A 418 15.20 17.73 1.41
CA PRO A 418 16.56 17.40 0.98
C PRO A 418 16.84 15.90 0.98
N LEU A 419 18.06 15.56 0.57
CA LEU A 419 18.63 14.23 0.67
C LEU A 419 18.47 13.68 2.07
N GLU A 420 18.08 12.42 2.19
CA GLU A 420 18.01 11.75 3.49
C GLU A 420 19.37 11.14 3.83
N ARG A 421 19.97 11.56 4.94
N ARG A 421 19.95 11.71 4.90
N ARG A 421 19.99 11.73 4.86
CA ARG A 421 21.36 11.15 5.20
CA ARG A 421 21.32 11.43 5.34
CA ARG A 421 21.33 11.36 5.31
C ARG A 421 21.72 11.16 6.68
C ARG A 421 21.39 11.46 6.85
C ARG A 421 21.40 11.43 6.82
N PRO A 422 21.03 10.34 7.49
CA PRO A 422 21.33 10.17 8.90
C PRO A 422 22.81 9.88 9.05
N LYS A 423 23.26 9.90 10.29
CA LYS A 423 24.63 9.56 10.59
C LYS A 423 24.71 8.15 11.20
N SER A 424 25.56 7.30 10.63
CA SER A 424 25.82 5.98 11.21
C SER A 424 26.98 6.00 12.19
N MET A 425 26.99 5.02 13.09
CA MET A 425 28.10 4.83 14.02
CA MET A 425 28.11 4.82 14.02
C MET A 425 28.41 3.34 14.13
N SER A 426 29.65 2.98 14.42
CA SER A 426 29.99 1.57 14.60
C SER A 426 29.85 1.23 16.09
N THR A 427 29.98 -0.05 16.43
CA THR A 427 29.83 -0.42 17.83
C THR A 427 30.97 0.22 18.60
N ASP A 428 32.15 0.19 18.03
CA ASP A 428 33.31 0.83 18.67
C ASP A 428 33.12 2.33 18.92
N GLY A 429 32.49 3.04 18.00
CA GLY A 429 32.35 4.49 18.17
C GLY A 429 31.33 4.86 19.22
N LEU A 430 30.30 4.02 19.34
CA LEU A 430 29.27 4.18 20.38
C LEU A 430 29.82 3.97 21.74
N ILE A 431 30.63 2.92 21.84
CA ILE A 431 31.35 2.65 23.07
C ILE A 431 32.23 3.85 23.46
N LYS A 432 33.07 4.31 22.54
CA LYS A 432 33.91 5.50 22.76
C LYS A 432 33.06 6.70 23.17
N LEU A 433 31.90 6.85 22.55
CA LEU A 433 31.03 8.01 22.75
C LEU A 433 30.35 8.04 24.11
N VAL A 434 29.81 6.90 24.57
CA VAL A 434 29.20 6.85 25.89
C VAL A 434 30.22 6.96 27.02
N ASP A 435 31.51 6.77 26.73
CA ASP A 435 32.59 6.92 27.73
C ASP A 435 33.11 8.35 27.85
N SER A 436 32.97 9.11 26.77
CA SER A 436 33.29 10.54 26.77
CA SER A 436 33.28 10.53 26.77
C SER A 436 32.05 11.34 27.17
N LYS A 437 30.88 10.72 27.01
CA LYS A 437 29.57 11.32 27.35
C LYS A 437 29.42 11.36 28.87
#